data_3MIZ
#
_entry.id   3MIZ
#
_cell.length_a   69.508
_cell.length_b   71.912
_cell.length_c   212.375
_cell.angle_alpha   90.00
_cell.angle_beta   90.00
_cell.angle_gamma   90.00
#
_symmetry.space_group_name_H-M   'C 2 2 21'
#
loop_
_entity.id
_entity.type
_entity.pdbx_description
1 polymer 'Putative transcriptional regulator protein, LacI family'
2 water water
#
_entity_poly.entity_id   1
_entity_poly.type   'polypeptide(L)'
_entity_poly.pdbx_seq_one_letter_code
;(MSE)SLAARLIRSSRSNTFGIITDYVSTTPYSVDIVRGIQDWANANGKTILIANTGGSSEREVEIWK(MSE)FQSHRID
GVLYVT(MSE)YRRIVDPESGDVSIPTV(MSE)INCRPQTRELLPSIEPDDYQGARDLTRYLLERGHRRIGYIRLNPILL
GAELRLDAFRRTTSEFGLTENDLSISLG(MSE)DGPVGAENNYVFAAATE(MSE)LKQDDRPTAI(MSE)SGNDE(MSE)
AIQIYIAA(MSE)ALGLRIPQDVSIVGFDDFRTVT(MSE)ALKPELTTAALPYYDLGREGAKWLNDLIAGEKIYPGSRVV
SCKLVERSSAAFGEGHHHHHH
;
_entity_poly.pdbx_strand_id   A,B
#
# COMPACT_ATOMS: atom_id res chain seq x y z
N ARG A 12 -30.78 6.26 -20.07
CA ARG A 12 -30.05 6.78 -18.88
C ARG A 12 -31.02 7.39 -17.87
N SER A 13 -30.95 6.93 -16.62
CA SER A 13 -31.82 7.46 -15.59
C SER A 13 -31.13 8.65 -14.91
N ASN A 14 -29.82 8.74 -15.09
CA ASN A 14 -29.01 9.78 -14.48
C ASN A 14 -29.02 9.59 -12.97
N THR A 15 -29.19 8.34 -12.56
CA THR A 15 -29.22 8.00 -11.14
C THR A 15 -28.09 7.04 -10.81
N PHE A 16 -27.29 7.40 -9.82
CA PHE A 16 -26.20 6.56 -9.37
C PHE A 16 -26.67 5.92 -8.08
N GLY A 17 -26.31 4.67 -7.87
CA GLY A 17 -26.70 4.00 -6.64
C GLY A 17 -25.46 3.78 -5.82
N ILE A 18 -25.56 3.98 -4.51
CA ILE A 18 -24.43 3.77 -3.62
C ILE A 18 -24.74 2.54 -2.79
N ILE A 19 -23.87 1.54 -2.83
CA ILE A 19 -24.10 0.37 -2.02
C ILE A 19 -23.06 0.46 -0.92
N THR A 20 -23.51 0.66 0.31
CA THR A 20 -22.59 0.76 1.42
C THR A 20 -22.82 -0.36 2.40
N ASP A 21 -21.86 -0.61 3.28
CA ASP A 21 -22.01 -1.68 4.25
C ASP A 21 -22.50 -1.28 5.65
N TYR A 22 -21.70 -0.54 6.40
CA TYR A 22 -22.07 -0.21 7.78
C TYR A 22 -22.38 1.23 8.10
N VAL A 23 -23.03 1.94 7.19
CA VAL A 23 -23.35 3.34 7.39
C VAL A 23 -24.29 3.60 8.58
N SER A 24 -25.17 2.65 8.89
CA SER A 24 -26.10 2.85 10.00
C SER A 24 -25.42 2.71 11.36
N THR A 25 -24.21 2.19 11.37
CA THR A 25 -23.46 2.02 12.61
C THR A 25 -22.08 2.67 12.55
N THR A 26 -21.74 3.23 11.38
CA THR A 26 -20.46 3.90 11.16
C THR A 26 -20.71 5.22 10.43
N PRO A 27 -20.83 6.34 11.18
CA PRO A 27 -21.08 7.66 10.57
C PRO A 27 -19.82 8.52 10.44
N TYR A 28 -18.66 7.90 10.34
CA TYR A 28 -17.41 8.65 10.22
C TYR A 28 -16.89 8.60 8.79
N SER A 29 -17.75 8.22 7.87
CA SER A 29 -17.34 8.12 6.47
C SER A 29 -18.36 8.74 5.55
N VAL A 30 -19.33 9.42 6.14
CA VAL A 30 -20.39 10.08 5.39
C VAL A 30 -19.80 11.10 4.44
N ASP A 31 -18.59 11.57 4.73
CA ASP A 31 -17.95 12.56 3.85
C ASP A 31 -17.78 12.02 2.43
N ILE A 32 -17.68 10.69 2.29
CA ILE A 32 -17.56 10.13 0.95
C ILE A 32 -18.87 10.43 0.26
N VAL A 33 -19.96 10.18 0.98
CA VAL A 33 -21.29 10.41 0.43
C VAL A 33 -21.43 11.89 0.10
N ARG A 34 -20.92 12.73 1.00
CA ARG A 34 -20.97 14.18 0.81
C ARG A 34 -20.27 14.54 -0.50
N GLY A 35 -19.13 13.91 -0.74
CA GLY A 35 -18.37 14.17 -1.96
C GLY A 35 -19.12 13.67 -3.18
N ILE A 36 -19.70 12.47 -3.07
CA ILE A 36 -20.47 11.92 -4.19
C ILE A 36 -21.66 12.84 -4.48
N GLN A 37 -22.43 13.16 -3.45
CA GLN A 37 -23.61 14.00 -3.60
C GLN A 37 -23.28 15.36 -4.19
N ASP A 38 -22.23 16.01 -3.69
CA ASP A 38 -21.83 17.31 -4.22
C ASP A 38 -21.52 17.21 -5.71
N TRP A 39 -20.77 16.19 -6.11
CA TRP A 39 -20.46 16.00 -7.52
C TRP A 39 -21.76 15.78 -8.31
N ALA A 40 -22.63 14.94 -7.77
CA ALA A 40 -23.90 14.61 -8.42
C ALA A 40 -24.75 15.86 -8.68
N ASN A 41 -24.81 16.75 -7.70
CA ASN A 41 -25.60 17.97 -7.85
C ASN A 41 -25.03 18.88 -8.94
N ALA A 42 -23.72 18.83 -9.14
CA ALA A 42 -23.07 19.65 -10.15
C ALA A 42 -23.06 18.98 -11.53
N ASN A 43 -23.51 17.73 -11.60
CA ASN A 43 -23.53 17.02 -12.87
C ASN A 43 -24.89 16.46 -13.26
N GLY A 44 -25.94 16.98 -12.61
CA GLY A 44 -27.30 16.58 -12.91
C GLY A 44 -27.76 15.17 -12.58
N LYS A 45 -27.13 14.52 -11.61
CA LYS A 45 -27.54 13.17 -11.27
C LYS A 45 -28.11 13.04 -9.87
N THR A 46 -28.94 12.02 -9.68
CA THR A 46 -29.54 11.77 -8.38
C THR A 46 -28.83 10.57 -7.79
N ILE A 47 -28.83 10.51 -6.45
CA ILE A 47 -28.14 9.44 -5.74
C ILE A 47 -29.10 8.69 -4.81
N LEU A 48 -29.09 7.37 -4.91
CA LEU A 48 -29.92 6.52 -4.07
C LEU A 48 -28.95 5.63 -3.29
N ILE A 49 -29.13 5.58 -1.97
CA ILE A 49 -28.26 4.79 -1.12
C ILE A 49 -28.93 3.54 -0.53
N ALA A 50 -28.22 2.42 -0.52
CA ALA A 50 -28.71 1.16 0.05
C ALA A 50 -27.59 0.59 0.93
N ASN A 51 -27.95 0.11 2.12
CA ASN A 51 -26.99 -0.43 3.07
C ASN A 51 -27.16 -1.95 3.21
N THR A 52 -26.06 -2.69 3.14
CA THR A 52 -26.08 -4.14 3.24
C THR A 52 -25.99 -4.62 4.70
N GLY A 53 -25.45 -3.78 5.57
CA GLY A 53 -25.31 -4.17 6.96
C GLY A 53 -24.27 -5.28 7.07
N GLY A 54 -23.53 -5.48 5.99
CA GLY A 54 -22.50 -6.51 5.96
C GLY A 54 -23.01 -7.89 5.56
N SER A 55 -24.27 -7.96 5.13
CA SER A 55 -24.86 -9.23 4.73
C SER A 55 -24.75 -9.53 3.24
N SER A 56 -24.12 -10.66 2.91
CA SER A 56 -23.97 -11.07 1.52
C SER A 56 -25.33 -11.29 0.90
N GLU A 57 -26.23 -11.91 1.66
CA GLU A 57 -27.58 -12.20 1.20
C GLU A 57 -28.30 -10.92 0.80
N ARG A 58 -28.38 -9.96 1.72
CA ARG A 58 -29.06 -8.70 1.44
C ARG A 58 -28.37 -7.96 0.30
N GLU A 59 -27.05 -8.06 0.21
CA GLU A 59 -26.34 -7.38 -0.87
C GLU A 59 -26.78 -7.89 -2.22
N VAL A 60 -26.85 -9.21 -2.37
CA VAL A 60 -27.26 -9.80 -3.63
C VAL A 60 -28.60 -9.20 -4.05
N GLU A 61 -29.52 -9.17 -3.10
CA GLU A 61 -30.86 -8.63 -3.31
C GLU A 61 -30.80 -7.14 -3.69
N ILE A 62 -29.86 -6.42 -3.11
CA ILE A 62 -29.74 -4.99 -3.41
C ILE A 62 -29.28 -4.75 -4.85
N TRP A 63 -28.36 -5.58 -5.34
CA TRP A 63 -27.89 -5.43 -6.70
C TRP A 63 -29.06 -5.69 -7.66
N LYS A 64 -29.84 -6.71 -7.33
CA LYS A 64 -31.00 -7.09 -8.11
C LYS A 64 -31.96 -5.90 -8.14
N MSE A 65 -32.17 -5.29 -6.99
CA MSE A 65 -33.05 -4.13 -6.88
C MSE A 65 -32.57 -2.99 -7.78
O MSE A 65 -33.37 -2.36 -8.47
CB MSE A 65 -33.14 -3.64 -5.44
CG MSE A 65 -33.66 -2.20 -5.30
SE MSE A 65 -34.13 -1.76 -3.49
CE MSE A 65 -35.80 -2.73 -3.44
N PHE A 66 -31.27 -2.72 -7.76
CA PHE A 66 -30.73 -1.63 -8.57
C PHE A 66 -30.91 -1.90 -10.06
N GLN A 67 -30.72 -3.15 -10.48
CA GLN A 67 -30.88 -3.48 -11.88
C GLN A 67 -32.34 -3.20 -12.26
N SER A 68 -33.25 -3.67 -11.42
CA SER A 68 -34.68 -3.49 -11.62
C SER A 68 -35.06 -2.01 -11.79
N HIS A 69 -34.40 -1.15 -11.01
CA HIS A 69 -34.68 0.29 -11.04
C HIS A 69 -33.92 1.06 -12.12
N ARG A 70 -33.17 0.35 -12.96
CA ARG A 70 -32.39 0.94 -14.05
C ARG A 70 -31.32 1.95 -13.63
N ILE A 71 -30.69 1.72 -12.49
CA ILE A 71 -29.62 2.61 -12.03
C ILE A 71 -28.53 2.60 -13.11
N ASP A 72 -27.94 3.77 -13.39
CA ASP A 72 -26.89 3.89 -14.40
C ASP A 72 -25.55 3.32 -13.97
N GLY A 73 -25.24 3.45 -12.68
CA GLY A 73 -23.98 2.93 -12.17
C GLY A 73 -24.02 2.78 -10.66
N VAL A 74 -23.03 2.11 -10.10
CA VAL A 74 -22.95 1.91 -8.65
C VAL A 74 -21.61 2.32 -8.07
N LEU A 75 -21.67 2.97 -6.91
CA LEU A 75 -20.47 3.33 -6.19
C LEU A 75 -20.52 2.41 -4.98
N TYR A 76 -19.61 1.45 -4.96
CA TYR A 76 -19.51 0.48 -3.88
C TYR A 76 -18.62 1.12 -2.83
N VAL A 77 -19.22 1.55 -1.73
CA VAL A 77 -18.48 2.25 -0.68
C VAL A 77 -18.48 1.53 0.67
N THR A 78 -17.30 1.33 1.22
CA THR A 78 -17.21 0.69 2.53
C THR A 78 -16.92 1.77 3.57
N MSE A 79 -17.45 1.59 4.77
CA MSE A 79 -17.24 2.57 5.85
C MSE A 79 -15.77 2.65 6.24
O MSE A 79 -15.26 3.72 6.56
CB MSE A 79 -18.11 2.21 7.05
CG MSE A 79 -19.57 2.50 6.83
SE MSE A 79 -19.87 4.39 6.45
CE MSE A 79 -20.04 4.34 4.51
N TYR A 80 -15.08 1.50 6.25
CA TYR A 80 -13.66 1.50 6.56
C TYR A 80 -12.97 0.74 5.44
N ARG A 81 -11.67 0.92 5.32
CA ARG A 81 -10.94 0.27 4.25
C ARG A 81 -11.03 -1.26 4.31
N ARG A 82 -11.44 -1.85 3.20
CA ARG A 82 -11.60 -3.29 3.12
C ARG A 82 -11.13 -3.84 1.77
N ILE A 83 -10.85 -5.13 1.74
CA ILE A 83 -10.49 -5.83 0.51
C ILE A 83 -11.66 -6.80 0.40
N VAL A 84 -12.46 -6.67 -0.65
CA VAL A 84 -13.63 -7.52 -0.81
C VAL A 84 -14.21 -7.47 -2.22
N ASP A 85 -14.73 -8.61 -2.67
CA ASP A 85 -15.37 -8.70 -3.97
C ASP A 85 -16.85 -8.45 -3.74
N PRO A 86 -17.46 -7.54 -4.52
CA PRO A 86 -18.89 -7.33 -4.29
C PRO A 86 -19.64 -8.64 -4.58
N GLU A 87 -20.76 -8.85 -3.90
CA GLU A 87 -21.60 -10.02 -4.11
C GLU A 87 -22.83 -9.58 -4.91
N SER A 88 -22.66 -9.49 -6.23
CA SER A 88 -23.73 -9.04 -7.13
C SER A 88 -24.52 -10.14 -7.83
N GLY A 89 -24.26 -11.39 -7.49
CA GLY A 89 -24.98 -12.47 -8.15
C GLY A 89 -24.75 -12.42 -9.66
N ASP A 90 -25.83 -12.31 -10.43
CA ASP A 90 -25.72 -12.27 -11.88
C ASP A 90 -25.86 -10.86 -12.46
N VAL A 91 -26.00 -9.88 -11.59
CA VAL A 91 -26.15 -8.50 -12.02
C VAL A 91 -24.87 -7.86 -12.54
N SER A 92 -25.00 -7.13 -13.64
CA SER A 92 -23.89 -6.46 -14.27
C SER A 92 -24.22 -4.98 -14.46
N ILE A 93 -23.57 -4.12 -13.69
CA ILE A 93 -23.79 -2.68 -13.76
C ILE A 93 -22.44 -2.00 -13.59
N PRO A 94 -22.16 -0.94 -14.37
CA PRO A 94 -20.88 -0.24 -14.23
C PRO A 94 -20.69 0.10 -12.76
N THR A 95 -19.52 -0.26 -12.22
CA THR A 95 -19.24 -0.04 -10.80
C THR A 95 -17.84 0.46 -10.50
N VAL A 96 -17.73 1.35 -9.52
CA VAL A 96 -16.45 1.86 -9.06
C VAL A 96 -16.44 1.68 -7.55
N MSE A 97 -15.37 1.09 -7.03
CA MSE A 97 -15.26 0.86 -5.59
C MSE A 97 -14.55 2.03 -4.92
O MSE A 97 -13.56 2.53 -5.44
CB MSE A 97 -14.51 -0.45 -5.32
CG MSE A 97 -15.27 -1.68 -5.82
SE MSE A 97 -14.24 -3.32 -5.66
CE MSE A 97 -14.34 -3.51 -3.75
N ILE A 98 -15.06 2.47 -3.77
CA ILE A 98 -14.45 3.58 -3.04
C ILE A 98 -14.19 3.21 -1.59
N ASN A 99 -12.94 3.38 -1.17
CA ASN A 99 -12.46 3.08 0.19
C ASN A 99 -12.25 1.59 0.39
N CYS A 100 -12.19 0.87 -0.73
CA CYS A 100 -12.00 -0.56 -0.70
C CYS A 100 -11.39 -1.03 -2.01
N ARG A 101 -10.90 -2.26 -2.00
CA ARG A 101 -10.27 -2.86 -3.17
C ARG A 101 -10.82 -4.28 -3.34
N PRO A 102 -10.98 -4.73 -4.58
CA PRO A 102 -11.49 -6.08 -4.81
C PRO A 102 -10.48 -7.14 -4.40
N GLN A 103 -10.97 -8.31 -3.97
CA GLN A 103 -10.09 -9.40 -3.59
C GLN A 103 -9.53 -9.97 -4.88
N THR A 104 -10.36 -10.00 -5.92
CA THR A 104 -9.96 -10.50 -7.23
C THR A 104 -9.24 -9.39 -7.98
N ARG A 105 -7.98 -9.65 -8.33
CA ARG A 105 -7.14 -8.69 -9.05
C ARG A 105 -7.84 -8.02 -10.23
N GLU A 106 -7.89 -6.69 -10.17
CA GLU A 106 -8.49 -5.86 -11.21
C GLU A 106 -9.92 -6.22 -11.60
N LEU A 107 -10.70 -6.72 -10.65
CA LEU A 107 -12.08 -7.07 -10.95
C LEU A 107 -12.88 -5.81 -11.30
N LEU A 108 -12.60 -4.72 -10.58
CA LEU A 108 -13.29 -3.45 -10.80
C LEU A 108 -12.36 -2.30 -10.45
N PRO A 109 -12.61 -1.10 -11.00
CA PRO A 109 -11.73 0.02 -10.66
C PRO A 109 -11.96 0.38 -9.21
N SER A 110 -10.93 0.88 -8.54
CA SER A 110 -11.07 1.23 -7.14
C SER A 110 -10.19 2.41 -6.77
N ILE A 111 -10.65 3.17 -5.79
CA ILE A 111 -9.90 4.32 -5.32
C ILE A 111 -9.96 4.29 -3.79
N GLU A 112 -8.79 4.34 -3.17
CA GLU A 112 -8.66 4.27 -1.72
C GLU A 112 -7.70 5.32 -1.17
N PRO A 113 -7.75 5.56 0.15
CA PRO A 113 -6.87 6.53 0.81
C PRO A 113 -5.58 5.78 1.13
N ASP A 114 -4.47 6.52 1.29
CA ASP A 114 -3.20 5.88 1.58
C ASP A 114 -2.85 5.92 3.07
N ASP A 115 -3.42 4.99 3.84
CA ASP A 115 -3.15 4.89 5.28
C ASP A 115 -1.67 4.81 5.59
N TYR A 116 -0.96 4.02 4.81
CA TYR A 116 0.47 3.83 5.02
C TYR A 116 1.24 5.15 4.86
N GLN A 117 0.99 5.85 3.76
CA GLN A 117 1.67 7.12 3.51
C GLN A 117 1.34 8.13 4.61
N GLY A 118 0.06 8.20 4.97
CA GLY A 118 -0.36 9.14 6.01
C GLY A 118 0.34 8.89 7.33
N ALA A 119 0.41 7.64 7.76
CA ALA A 119 1.05 7.30 9.02
C ALA A 119 2.55 7.54 8.93
N ARG A 120 3.11 7.30 7.74
CA ARG A 120 4.53 7.52 7.51
C ARG A 120 4.86 8.99 7.69
N ASP A 121 4.08 9.86 7.05
CA ASP A 121 4.33 11.29 7.13
C ASP A 121 4.11 11.86 8.52
N LEU A 122 3.16 11.29 9.24
CA LEU A 122 2.85 11.75 10.60
C LEU A 122 3.98 11.32 11.53
N THR A 123 4.53 10.13 11.30
CA THR A 123 5.61 9.63 12.14
C THR A 123 6.87 10.48 11.86
N ARG A 124 7.14 10.78 10.59
CA ARG A 124 8.29 11.61 10.24
C ARG A 124 8.15 13.01 10.84
N TYR A 125 6.91 13.49 10.88
CA TYR A 125 6.61 14.81 11.45
C TYR A 125 7.16 14.89 12.88
N LEU A 126 6.85 13.87 13.67
CA LEU A 126 7.32 13.81 15.05
C LEU A 126 8.84 13.66 15.12
N LEU A 127 9.40 12.78 14.29
CA LEU A 127 10.86 12.55 14.26
C LEU A 127 11.64 13.83 13.92
N GLU A 128 11.10 14.63 13.02
CA GLU A 128 11.76 15.86 12.64
C GLU A 128 11.56 16.92 13.72
N ARG A 129 10.70 16.62 14.69
CA ARG A 129 10.43 17.54 15.79
C ARG A 129 11.07 17.09 17.10
N GLY A 130 12.19 16.37 17.01
CA GLY A 130 12.93 15.94 18.18
C GLY A 130 12.48 14.74 19.01
N HIS A 131 11.31 14.17 18.70
CA HIS A 131 10.82 13.03 19.48
C HIS A 131 11.57 11.74 19.15
N ARG A 132 11.95 11.03 20.21
CA ARG A 132 12.71 9.79 20.04
C ARG A 132 12.08 8.63 20.81
N ARG A 133 11.28 8.97 21.81
CA ARG A 133 10.55 7.97 22.59
C ARG A 133 9.09 8.22 22.18
N ILE A 134 8.57 7.41 21.27
CA ILE A 134 7.21 7.58 20.76
C ILE A 134 6.26 6.46 21.13
N GLY A 135 5.03 6.82 21.47
CA GLY A 135 4.03 5.83 21.81
C GLY A 135 3.02 5.72 20.69
N TYR A 136 2.39 4.55 20.57
CA TYR A 136 1.39 4.34 19.52
C TYR A 136 0.30 3.44 20.11
N ILE A 137 -0.92 3.94 20.19
CA ILE A 137 -2.01 3.14 20.71
C ILE A 137 -2.85 2.72 19.50
N ARG A 138 -2.83 1.41 19.25
CA ARG A 138 -3.49 0.78 18.12
C ARG A 138 -5.00 0.75 18.01
N LEU A 139 -5.46 1.02 16.79
CA LEU A 139 -6.87 0.97 16.46
C LEU A 139 -7.15 -0.52 16.30
N ASN A 140 -8.43 -0.90 16.33
CA ASN A 140 -8.88 -2.29 16.19
C ASN A 140 -8.05 -3.04 15.14
N PRO A 141 -7.29 -4.07 15.56
CA PRO A 141 -6.46 -4.88 14.65
C PRO A 141 -7.19 -5.56 13.50
N ILE A 142 -8.50 -5.73 13.63
CA ILE A 142 -9.28 -6.37 12.58
C ILE A 142 -9.33 -5.45 11.35
N LEU A 143 -9.15 -4.16 11.60
CA LEU A 143 -9.17 -3.17 10.54
C LEU A 143 -7.88 -3.14 9.74
N LEU A 144 -8.02 -3.28 8.43
CA LEU A 144 -6.86 -3.26 7.54
C LEU A 144 -6.11 -1.93 7.71
N GLY A 145 -6.86 -0.84 7.72
CA GLY A 145 -6.26 0.47 7.88
C GLY A 145 -5.42 0.59 9.14
N ALA A 146 -5.94 0.04 10.24
CA ALA A 146 -5.23 0.09 11.51
C ALA A 146 -3.86 -0.56 11.41
N GLU A 147 -3.82 -1.73 10.77
CA GLU A 147 -2.58 -2.47 10.61
C GLU A 147 -1.61 -1.76 9.68
N LEU A 148 -2.13 -1.18 8.60
CA LEU A 148 -1.25 -0.47 7.67
C LEU A 148 -0.62 0.77 8.31
N ARG A 149 -1.37 1.45 9.16
CA ARG A 149 -0.83 2.63 9.83
C ARG A 149 0.27 2.21 10.80
N LEU A 150 0.08 1.06 11.41
CA LEU A 150 1.06 0.52 12.37
C LEU A 150 2.29 0.05 11.60
N ASP A 151 2.08 -0.56 10.43
CA ASP A 151 3.20 -1.02 9.62
C ASP A 151 4.09 0.19 9.29
N ALA A 152 3.44 1.30 8.98
CA ALA A 152 4.17 2.53 8.62
C ALA A 152 4.95 3.07 9.79
N PHE A 153 4.32 3.09 10.96
CA PHE A 153 4.96 3.58 12.16
C PHE A 153 6.21 2.77 12.45
N ARG A 154 6.09 1.44 12.38
CA ARG A 154 7.20 0.56 12.63
C ARG A 154 8.39 0.77 11.71
N ARG A 155 8.17 0.78 10.40
CA ARG A 155 9.28 0.97 9.48
C ARG A 155 9.84 2.39 9.43
N THR A 156 8.97 3.39 9.51
CA THR A 156 9.45 4.76 9.45
C THR A 156 10.37 5.04 10.61
N THR A 157 10.00 4.55 11.79
CA THR A 157 10.83 4.74 12.97
C THR A 157 12.13 3.96 12.83
N SER A 158 12.08 2.78 12.20
CA SER A 158 13.31 2.00 12.03
C SER A 158 14.21 2.63 10.97
N GLU A 159 13.61 3.12 9.89
CA GLU A 159 14.34 3.76 8.81
C GLU A 159 15.07 5.00 9.33
N PHE A 160 14.49 5.61 10.36
CA PHE A 160 15.07 6.81 10.96
C PHE A 160 16.22 6.43 11.90
N GLY A 161 16.06 5.31 12.60
CA GLY A 161 17.10 4.89 13.51
C GLY A 161 16.63 4.41 14.86
N LEU A 162 15.42 4.78 15.25
CA LEU A 162 14.89 4.36 16.54
C LEU A 162 14.73 2.85 16.57
N THR A 163 14.78 2.27 17.76
CA THR A 163 14.63 0.84 17.91
C THR A 163 13.32 0.55 18.61
N GLU A 164 12.84 -0.69 18.47
CA GLU A 164 11.59 -1.09 19.09
C GLU A 164 11.62 -0.71 20.57
N ASN A 165 12.83 -0.60 21.12
CA ASN A 165 13.00 -0.26 22.53
C ASN A 165 12.67 1.20 22.86
N ASP A 166 12.63 2.06 21.84
CA ASP A 166 12.31 3.46 22.03
C ASP A 166 10.81 3.69 21.87
N LEU A 167 10.11 2.64 21.43
CA LEU A 167 8.68 2.75 21.21
C LEU A 167 7.83 2.11 22.31
N SER A 168 6.61 2.62 22.44
CA SER A 168 5.64 2.12 23.40
C SER A 168 4.39 1.84 22.57
N ILE A 169 4.21 0.58 22.18
CA ILE A 169 3.07 0.20 21.37
C ILE A 169 2.08 -0.62 22.19
N SER A 170 0.82 -0.24 22.13
CA SER A 170 -0.21 -0.94 22.89
C SER A 170 -1.53 -0.99 22.15
N LEU A 171 -2.32 -2.02 22.41
CA LEU A 171 -3.64 -2.12 21.79
C LEU A 171 -4.53 -1.21 22.63
N GLY A 172 -5.52 -0.61 21.98
CA GLY A 172 -6.44 0.26 22.71
C GLY A 172 -7.83 -0.33 22.69
N MSE A 173 -8.05 -1.31 21.83
CA MSE A 173 -9.37 -1.91 21.72
C MSE A 173 -9.31 -3.19 20.90
O MSE A 173 -8.33 -3.44 20.20
CB MSE A 173 -10.31 -0.95 21.02
CG MSE A 173 -9.91 -0.78 19.58
SE MSE A 173 -11.09 0.40 18.65
CE MSE A 173 -10.51 2.09 19.45
N ASP A 174 -10.38 -3.96 20.96
CA ASP A 174 -10.50 -5.19 20.21
C ASP A 174 -11.95 -5.64 20.23
N GLY A 175 -12.28 -6.58 19.35
CA GLY A 175 -13.65 -7.05 19.30
C GLY A 175 -14.33 -6.60 18.02
N PRO A 176 -15.66 -6.76 17.91
CA PRO A 176 -16.40 -6.36 16.72
C PRO A 176 -16.31 -4.85 16.49
N VAL A 177 -16.03 -4.45 15.26
CA VAL A 177 -15.93 -3.04 14.92
C VAL A 177 -17.23 -2.32 15.30
N GLY A 178 -17.10 -1.18 15.98
CA GLY A 178 -18.28 -0.44 16.40
C GLY A 178 -19.02 -1.06 17.57
N ALA A 179 -18.33 -1.91 18.32
CA ALA A 179 -18.91 -2.57 19.48
C ALA A 179 -17.76 -3.22 20.25
N GLU A 180 -16.60 -2.58 20.16
CA GLU A 180 -15.40 -3.09 20.79
C GLU A 180 -15.31 -2.99 22.29
N ASN A 181 -14.39 -3.78 22.83
CA ASN A 181 -14.05 -3.79 24.23
C ASN A 181 -13.04 -2.65 24.11
N ASN A 182 -13.36 -1.51 24.72
CA ASN A 182 -12.49 -0.34 24.58
C ASN A 182 -11.76 0.08 25.87
N TYR A 183 -10.43 0.09 25.81
CA TYR A 183 -9.63 0.44 26.98
C TYR A 183 -8.53 1.44 26.65
N VAL A 184 -8.83 2.39 25.76
CA VAL A 184 -7.84 3.38 25.35
C VAL A 184 -7.34 4.22 26.53
N PHE A 185 -8.27 4.73 27.34
CA PHE A 185 -7.90 5.54 28.50
C PHE A 185 -6.94 4.79 29.42
N ALA A 186 -7.30 3.55 29.76
CA ALA A 186 -6.48 2.73 30.65
C ALA A 186 -5.12 2.43 30.06
N ALA A 187 -5.08 2.18 28.75
CA ALA A 187 -3.81 1.88 28.09
C ALA A 187 -2.91 3.11 28.05
N ALA A 188 -3.49 4.27 27.75
CA ALA A 188 -2.73 5.51 27.68
C ALA A 188 -2.22 5.92 29.05
N THR A 189 -3.01 5.62 30.07
CA THR A 189 -2.61 5.96 31.43
C THR A 189 -1.39 5.14 31.84
N GLU A 190 -1.43 3.83 31.56
CA GLU A 190 -0.32 2.95 31.88
C GLU A 190 0.94 3.41 31.15
N MSE A 191 0.77 3.75 29.88
CA MSE A 191 1.86 4.20 29.03
C MSE A 191 2.52 5.49 29.54
O MSE A 191 3.74 5.64 29.49
CB MSE A 191 1.34 4.43 27.61
CG MSE A 191 2.38 4.81 26.59
SE MSE A 191 1.57 5.05 24.83
CE MSE A 191 1.22 3.20 24.42
N LEU A 192 1.69 6.41 30.02
CA LEU A 192 2.19 7.69 30.50
C LEU A 192 2.76 7.63 31.92
N LYS A 193 2.49 6.54 32.61
CA LYS A 193 2.99 6.38 33.98
C LYS A 193 4.31 5.64 33.98
N GLN A 194 4.73 5.16 32.81
CA GLN A 194 5.99 4.45 32.67
C GLN A 194 7.12 5.36 33.15
N ASP A 195 8.19 4.75 33.65
CA ASP A 195 9.33 5.51 34.12
C ASP A 195 9.98 6.25 32.95
N ASP A 196 10.05 5.59 31.80
CA ASP A 196 10.60 6.22 30.59
C ASP A 196 9.43 6.64 29.71
N ARG A 197 8.68 7.62 30.19
CA ARG A 197 7.49 8.17 29.52
C ARG A 197 7.73 8.69 28.11
N PRO A 198 6.91 8.26 27.13
CA PRO A 198 7.15 8.78 25.78
C PRO A 198 6.84 10.28 25.73
N THR A 199 7.53 11.01 24.84
CA THR A 199 7.32 12.45 24.70
C THR A 199 6.23 12.76 23.69
N ALA A 200 5.88 11.76 22.87
CA ALA A 200 4.84 11.90 21.86
C ALA A 200 4.05 10.60 21.80
N ILE A 201 2.75 10.72 21.57
CA ILE A 201 1.90 9.53 21.44
C ILE A 201 1.05 9.69 20.20
N MSE A 202 1.09 8.66 19.36
CA MSE A 202 0.31 8.67 18.14
C MSE A 202 -0.91 7.85 18.42
O MSE A 202 -0.80 6.69 18.85
CB MSE A 202 1.11 8.07 16.99
CG MSE A 202 2.26 8.92 16.53
SE MSE A 202 3.07 8.19 14.93
CE MSE A 202 1.74 8.69 13.64
N SER A 203 -2.08 8.44 18.19
CA SER A 203 -3.34 7.76 18.42
C SER A 203 -3.78 7.03 17.15
N GLY A 204 -4.26 5.80 17.33
CA GLY A 204 -4.74 5.01 16.20
C GLY A 204 -5.57 5.87 15.29
N ASN A 205 -6.47 6.64 15.88
CA ASN A 205 -7.31 7.59 15.13
C ASN A 205 -7.74 8.74 16.03
N ASP A 206 -8.40 9.74 15.44
CA ASP A 206 -8.82 10.91 16.21
C ASP A 206 -9.79 10.59 17.35
N GLU A 207 -10.74 9.70 17.10
CA GLU A 207 -11.71 9.34 18.13
C GLU A 207 -10.99 8.93 19.42
N MSE A 208 -10.00 8.03 19.28
CA MSE A 208 -9.22 7.52 20.40
C MSE A 208 -8.45 8.62 21.15
O MSE A 208 -8.17 8.51 22.35
CB MSE A 208 -8.22 6.46 19.90
CG MSE A 208 -8.83 5.22 19.26
SE MSE A 208 -7.45 4.10 18.44
CE MSE A 208 -6.61 3.50 20.05
N ALA A 209 -8.08 9.68 20.41
CA ALA A 209 -7.34 10.79 21.01
C ALA A 209 -8.08 11.44 22.15
N ILE A 210 -9.41 11.41 22.11
CA ILE A 210 -10.17 12.01 23.19
C ILE A 210 -9.75 11.39 24.52
N GLN A 211 -9.66 10.06 24.56
CA GLN A 211 -9.28 9.36 25.79
C GLN A 211 -7.83 9.59 26.20
N ILE A 212 -6.95 9.76 25.21
CA ILE A 212 -5.53 10.00 25.47
C ILE A 212 -5.34 11.43 26.03
N TYR A 213 -6.12 12.38 25.54
CA TYR A 213 -6.03 13.75 26.04
C TYR A 213 -6.41 13.74 27.51
N ILE A 214 -7.52 13.07 27.82
CA ILE A 214 -8.01 13.00 29.20
C ILE A 214 -7.04 12.23 30.09
N ALA A 215 -6.48 11.15 29.57
CA ALA A 215 -5.52 10.37 30.33
C ALA A 215 -4.31 11.25 30.72
N ALA A 216 -3.80 12.01 29.76
CA ALA A 216 -2.65 12.88 30.03
C ALA A 216 -2.96 14.00 31.01
N MSE A 217 -4.07 14.72 30.79
CA MSE A 217 -4.45 15.81 31.67
C MSE A 217 -4.78 15.33 33.09
O MSE A 217 -4.54 16.04 34.06
CB MSE A 217 -5.64 16.57 31.08
CG MSE A 217 -5.34 17.23 29.77
SE MSE A 217 -6.87 18.14 29.00
CE MSE A 217 -6.71 19.82 29.96
N ALA A 218 -5.33 14.12 33.18
CA ALA A 218 -5.68 13.55 34.47
C ALA A 218 -4.43 13.29 35.31
N LEU A 219 -3.28 13.29 34.65
CA LEU A 219 -2.00 13.04 35.34
C LEU A 219 -1.22 14.33 35.49
N GLY A 220 -1.88 15.45 35.18
CA GLY A 220 -1.24 16.75 35.31
C GLY A 220 -0.33 17.14 34.17
N LEU A 221 -0.35 16.37 33.08
CA LEU A 221 0.50 16.67 31.94
C LEU A 221 -0.20 17.67 31.01
N ARG A 222 0.58 18.60 30.47
CA ARG A 222 0.08 19.62 29.54
C ARG A 222 0.34 19.05 28.16
N ILE A 223 -0.62 19.18 27.26
CA ILE A 223 -0.45 18.59 25.94
C ILE A 223 0.85 18.96 25.21
N PRO A 224 0.83 19.95 24.31
CA PRO A 224 2.13 20.18 23.70
C PRO A 224 3.33 20.23 24.65
N GLN A 225 3.24 21.03 25.71
CA GLN A 225 4.33 21.19 26.68
C GLN A 225 4.93 19.91 27.27
N ASP A 226 4.08 19.04 27.80
CA ASP A 226 4.57 17.82 28.43
C ASP A 226 4.54 16.57 27.52
N VAL A 227 3.57 16.50 26.63
CA VAL A 227 3.47 15.37 25.71
C VAL A 227 2.73 15.76 24.44
N SER A 228 3.30 15.45 23.28
CA SER A 228 2.66 15.77 22.02
C SER A 228 1.70 14.64 21.66
N ILE A 229 0.62 14.97 20.97
CA ILE A 229 -0.35 13.95 20.58
C ILE A 229 -0.81 14.23 19.16
N VAL A 230 -0.82 13.21 18.31
CA VAL A 230 -1.29 13.36 16.94
C VAL A 230 -2.32 12.26 16.71
N GLY A 231 -3.28 12.50 15.82
CA GLY A 231 -4.30 11.49 15.56
C GLY A 231 -4.29 11.03 14.12
N PHE A 232 -5.45 10.58 13.64
CA PHE A 232 -5.58 10.13 12.25
C PHE A 232 -7.04 10.15 11.84
N ASP A 233 -7.29 10.64 10.63
CA ASP A 233 -8.61 10.73 9.99
C ASP A 233 -9.10 12.15 9.70
N ASP A 234 -8.81 13.04 10.63
CA ASP A 234 -9.30 14.42 10.66
C ASP A 234 -10.81 14.37 10.75
N PHE A 235 -11.28 13.65 11.77
CA PHE A 235 -12.70 13.50 12.06
C PHE A 235 -13.04 14.82 12.73
N ARG A 236 -13.59 15.76 11.95
CA ARG A 236 -13.92 17.10 12.41
C ARG A 236 -14.59 17.22 13.79
N THR A 237 -15.58 16.37 14.03
CA THR A 237 -16.30 16.37 15.30
C THR A 237 -15.32 16.37 16.47
N VAL A 238 -14.23 15.63 16.31
CA VAL A 238 -13.22 15.52 17.35
C VAL A 238 -12.06 16.51 17.25
N THR A 239 -11.37 16.51 16.11
CA THR A 239 -10.19 17.37 15.96
C THR A 239 -10.34 18.82 16.38
N MSE A 240 -11.51 19.40 16.11
CA MSE A 240 -11.77 20.78 16.47
C MSE A 240 -12.46 20.97 17.82
O MSE A 240 -12.80 22.09 18.21
CB MSE A 240 -12.60 21.45 15.37
CG MSE A 240 -11.84 21.57 14.06
SE MSE A 240 -12.89 22.46 12.73
CE MSE A 240 -12.35 24.28 13.12
N ALA A 241 -12.68 19.85 18.52
CA ALA A 241 -13.30 19.89 19.85
C ALA A 241 -12.17 19.88 20.86
N LEU A 242 -11.18 19.02 20.61
CA LEU A 242 -10.04 18.92 21.50
C LEU A 242 -9.25 20.22 21.46
N LYS A 243 -8.70 20.60 22.62
CA LYS A 243 -7.88 21.79 22.73
C LYS A 243 -6.66 21.33 23.52
N PRO A 244 -5.46 21.54 22.98
CA PRO A 244 -5.17 22.19 21.69
C PRO A 244 -5.70 21.42 20.49
N GLU A 245 -5.91 22.15 19.40
CA GLU A 245 -6.40 21.56 18.15
C GLU A 245 -5.48 20.41 17.77
N LEU A 246 -6.07 19.27 17.44
CA LEU A 246 -5.32 18.05 17.09
C LEU A 246 -4.65 17.99 15.72
N THR A 247 -3.34 17.79 15.72
CA THR A 247 -2.59 17.66 14.48
C THR A 247 -2.88 16.23 14.02
N THR A 248 -3.23 16.05 12.75
CA THR A 248 -3.62 14.72 12.27
C THR A 248 -3.34 14.52 10.79
N ALA A 249 -3.77 13.37 10.27
CA ALA A 249 -3.64 13.04 8.86
C ALA A 249 -5.08 12.91 8.38
N ALA A 250 -5.46 13.72 7.40
CA ALA A 250 -6.82 13.70 6.93
C ALA A 250 -7.10 12.64 5.88
N LEU A 251 -8.08 11.79 6.15
CA LEU A 251 -8.45 10.79 5.16
C LEU A 251 -9.19 11.64 4.15
N PRO A 252 -8.82 11.54 2.86
CA PRO A 252 -9.44 12.32 1.78
C PRO A 252 -10.82 11.79 1.35
N TYR A 253 -11.70 11.59 2.32
CA TYR A 253 -13.03 11.08 2.06
C TYR A 253 -13.84 11.89 1.05
N TYR A 254 -13.93 13.20 1.29
CA TYR A 254 -14.68 14.06 0.39
C TYR A 254 -14.16 13.92 -1.04
N ASP A 255 -12.84 13.99 -1.21
CA ASP A 255 -12.24 13.86 -2.53
C ASP A 255 -12.41 12.47 -3.12
N LEU A 256 -12.38 11.44 -2.27
CA LEU A 256 -12.57 10.07 -2.75
C LEU A 256 -13.95 9.95 -3.36
N GLY A 257 -14.95 10.58 -2.72
CA GLY A 257 -16.30 10.54 -3.22
C GLY A 257 -16.43 11.29 -4.53
N ARG A 258 -15.91 12.51 -4.60
CA ARG A 258 -15.99 13.28 -5.83
C ARG A 258 -15.23 12.60 -6.97
N GLU A 259 -14.02 12.13 -6.69
CA GLU A 259 -13.23 11.45 -7.72
C GLU A 259 -13.89 10.15 -8.17
N GLY A 260 -14.38 9.38 -7.20
CA GLY A 260 -15.04 8.11 -7.53
C GLY A 260 -16.24 8.31 -8.42
N ALA A 261 -17.05 9.33 -8.12
CA ALA A 261 -18.24 9.62 -8.90
C ALA A 261 -17.89 10.01 -10.33
N LYS A 262 -16.91 10.89 -10.50
CA LYS A 262 -16.51 11.31 -11.85
C LYS A 262 -16.00 10.10 -12.63
N TRP A 263 -15.20 9.28 -11.97
CA TRP A 263 -14.65 8.08 -12.58
C TRP A 263 -15.79 7.16 -13.06
N LEU A 264 -16.79 6.98 -12.22
CA LEU A 264 -17.92 6.15 -12.59
C LEU A 264 -18.65 6.75 -13.79
N ASN A 265 -18.78 8.07 -13.78
CA ASN A 265 -19.45 8.77 -14.87
C ASN A 265 -18.76 8.48 -16.19
N ASP A 266 -17.43 8.56 -16.21
CA ASP A 266 -16.67 8.30 -17.43
C ASP A 266 -16.79 6.84 -17.87
N LEU A 267 -16.80 5.94 -16.90
CA LEU A 267 -16.93 4.51 -17.18
C LEU A 267 -18.30 4.21 -17.80
N ILE A 268 -19.33 4.87 -17.27
CA ILE A 268 -20.69 4.68 -17.77
C ILE A 268 -20.81 5.20 -19.19
N ALA A 269 -20.05 6.26 -19.49
CA ALA A 269 -20.06 6.87 -20.81
C ALA A 269 -19.06 6.20 -21.75
N GLY A 270 -18.51 5.07 -21.33
CA GLY A 270 -17.54 4.37 -22.14
C GLY A 270 -16.13 4.67 -21.64
N GLU A 271 -15.44 5.57 -22.33
CA GLU A 271 -14.09 5.98 -21.96
C GLU A 271 -13.10 4.87 -21.65
N LYS A 272 -11.91 4.97 -22.24
CA LYS A 272 -10.86 3.98 -22.04
C LYS A 272 -10.00 4.36 -20.85
N ILE A 273 -10.54 4.22 -19.65
CA ILE A 273 -9.78 4.53 -18.45
C ILE A 273 -9.32 3.23 -17.81
N TYR A 274 -8.04 2.91 -17.97
CA TYR A 274 -7.50 1.70 -17.36
C TYR A 274 -7.97 1.65 -15.92
N PRO A 275 -8.71 0.58 -15.55
CA PRO A 275 -9.20 0.44 -14.18
C PRO A 275 -8.06 0.49 -13.16
N GLY A 276 -7.56 -0.67 -12.79
CA GLY A 276 -6.47 -0.70 -11.82
C GLY A 276 -6.88 0.07 -10.57
N SER A 277 -5.91 0.27 -9.68
CA SER A 277 -6.15 0.96 -8.43
C SER A 277 -5.51 2.33 -8.34
N ARG A 278 -6.25 3.28 -7.78
CA ARG A 278 -5.76 4.64 -7.56
C ARG A 278 -5.70 4.78 -6.04
N VAL A 279 -4.65 5.39 -5.54
CA VAL A 279 -4.56 5.58 -4.10
C VAL A 279 -4.32 7.08 -3.87
N VAL A 280 -5.24 7.70 -3.14
CA VAL A 280 -5.14 9.14 -2.85
C VAL A 280 -4.45 9.40 -1.51
N SER A 281 -3.48 10.29 -1.53
CA SER A 281 -2.73 10.62 -0.32
C SER A 281 -3.57 11.24 0.80
N CYS A 282 -3.08 11.11 2.03
CA CYS A 282 -3.73 11.69 3.20
C CYS A 282 -2.94 12.94 3.51
N LYS A 283 -3.63 14.07 3.66
CA LYS A 283 -2.98 15.34 3.95
C LYS A 283 -2.67 15.53 5.42
N LEU A 284 -1.42 15.85 5.73
CA LEU A 284 -1.05 16.09 7.12
C LEU A 284 -1.63 17.46 7.47
N VAL A 285 -2.47 17.51 8.50
CA VAL A 285 -3.08 18.76 8.93
C VAL A 285 -2.38 19.19 10.21
N GLU A 286 -1.51 20.19 10.09
CA GLU A 286 -0.77 20.67 11.24
C GLU A 286 -1.58 21.66 12.06
N ARG A 287 -1.79 21.30 13.33
CA ARG A 287 -2.53 22.15 14.24
C ARG A 287 -1.59 22.48 15.41
N SER A 288 -2.01 22.34 16.66
CA SER A 288 -1.10 22.69 17.76
C SER A 288 -0.95 21.69 18.91
N SER A 289 -1.29 20.44 18.67
CA SER A 289 -1.20 19.40 19.70
C SER A 289 0.20 18.79 19.81
N ALA A 290 1.12 19.24 18.96
CA ALA A 290 2.48 18.73 19.01
C ALA A 290 3.50 19.87 19.11
N ALA A 291 4.57 19.63 19.87
CA ALA A 291 5.63 20.61 20.05
C ALA A 291 6.97 19.90 19.90
N PHE A 292 8.05 20.66 19.76
CA PHE A 292 9.36 20.06 19.59
C PHE A 292 9.76 19.24 20.81
N SER B 13 10.67 17.30 -29.94
CA SER B 13 11.87 16.50 -30.31
C SER B 13 11.54 15.02 -30.29
N ASN B 14 10.42 14.69 -29.65
CA ASN B 14 9.96 13.32 -29.53
C ASN B 14 11.01 12.43 -28.86
N THR B 15 11.70 13.00 -27.88
CA THR B 15 12.73 12.27 -27.16
C THR B 15 12.44 12.27 -25.66
N PHE B 16 12.16 11.10 -25.11
CA PHE B 16 11.90 10.96 -23.69
C PHE B 16 13.20 10.56 -23.02
N GLY B 17 13.50 11.16 -21.87
CA GLY B 17 14.71 10.83 -21.15
C GLY B 17 14.39 9.96 -19.96
N ILE B 18 15.23 8.97 -19.70
CA ILE B 18 15.03 8.08 -18.55
C ILE B 18 16.13 8.31 -17.53
N ILE B 19 15.75 8.78 -16.35
CA ILE B 19 16.72 9.01 -15.29
C ILE B 19 16.59 7.86 -14.30
N THR B 20 17.63 7.03 -14.21
CA THR B 20 17.60 5.89 -13.31
C THR B 20 18.69 5.94 -12.25
N ASP B 21 18.63 5.00 -11.32
CA ASP B 21 19.61 4.90 -10.24
C ASP B 21 20.29 3.54 -10.27
N TYR B 22 21.59 3.52 -10.03
CA TYR B 22 22.35 2.26 -9.98
C TYR B 22 22.30 1.42 -11.27
N VAL B 23 23.47 0.96 -11.72
CA VAL B 23 23.57 0.10 -12.88
C VAL B 23 24.20 -1.17 -12.34
N SER B 24 24.38 -1.17 -11.03
CA SER B 24 24.94 -2.29 -10.29
C SER B 24 23.79 -3.04 -9.64
N THR B 25 22.68 -2.33 -9.45
CA THR B 25 21.48 -2.89 -8.86
C THR B 25 20.63 -3.50 -9.96
N THR B 26 21.31 -4.05 -10.97
CA THR B 26 20.67 -4.69 -12.11
C THR B 26 21.05 -6.17 -12.04
N PRO B 27 20.24 -7.05 -12.63
CA PRO B 27 18.98 -6.84 -13.35
C PRO B 27 17.89 -6.08 -12.62
N TYR B 28 17.10 -6.80 -11.82
CA TYR B 28 16.00 -6.20 -11.06
C TYR B 28 14.87 -5.72 -11.97
N SER B 29 14.85 -4.43 -12.29
CA SER B 29 13.78 -3.88 -13.13
C SER B 29 14.21 -3.44 -14.54
N VAL B 30 15.01 -4.27 -15.21
CA VAL B 30 15.46 -3.93 -16.54
C VAL B 30 14.28 -3.88 -17.50
N ASP B 31 13.29 -4.74 -17.27
CA ASP B 31 12.09 -4.79 -18.10
C ASP B 31 11.34 -3.46 -18.15
N ILE B 32 11.55 -2.60 -17.16
CA ILE B 32 10.88 -1.29 -17.18
C ILE B 32 11.32 -0.61 -18.45
N VAL B 33 12.63 -0.59 -18.68
CA VAL B 33 13.20 0.03 -19.86
C VAL B 33 12.65 -0.62 -21.13
N ARG B 34 12.58 -1.95 -21.12
CA ARG B 34 12.07 -2.69 -22.28
C ARG B 34 10.65 -2.23 -22.61
N GLY B 35 9.84 -2.01 -21.57
CA GLY B 35 8.48 -1.56 -21.79
C GLY B 35 8.46 -0.17 -22.38
N ILE B 36 9.29 0.71 -21.84
CA ILE B 36 9.37 2.08 -22.32
C ILE B 36 9.82 2.09 -23.78
N GLN B 37 10.90 1.37 -24.06
CA GLN B 37 11.43 1.28 -25.41
C GLN B 37 10.40 0.79 -26.42
N ASP B 38 9.81 -0.37 -26.14
CA ASP B 38 8.80 -0.93 -27.03
C ASP B 38 7.72 0.06 -27.40
N TRP B 39 7.19 0.76 -26.40
CA TRP B 39 6.14 1.75 -26.64
C TRP B 39 6.68 2.89 -27.49
N ALA B 40 7.83 3.42 -27.08
CA ALA B 40 8.46 4.52 -27.80
C ALA B 40 8.62 4.22 -29.29
N ASN B 41 9.30 3.11 -29.59
CA ASN B 41 9.52 2.73 -30.98
C ASN B 41 8.20 2.65 -31.75
N ALA B 42 7.13 2.30 -31.07
CA ALA B 42 5.82 2.18 -31.70
C ALA B 42 5.11 3.52 -31.83
N ASN B 43 5.52 4.51 -31.05
CA ASN B 43 4.91 5.83 -31.10
C ASN B 43 5.87 6.90 -31.61
N GLY B 44 6.88 6.48 -32.37
CA GLY B 44 7.84 7.40 -32.93
C GLY B 44 8.58 8.28 -31.94
N LYS B 45 9.07 7.69 -30.86
CA LYS B 45 9.80 8.43 -29.85
C LYS B 45 11.19 7.84 -29.67
N THR B 46 12.14 8.67 -29.22
CA THR B 46 13.51 8.23 -28.99
C THR B 46 13.78 8.27 -27.48
N ILE B 47 14.49 7.26 -26.98
CA ILE B 47 14.79 7.17 -25.56
C ILE B 47 16.28 7.37 -25.21
N LEU B 48 16.54 8.26 -24.26
CA LEU B 48 17.90 8.54 -23.82
C LEU B 48 18.00 8.17 -22.34
N ILE B 49 19.05 7.42 -21.96
CA ILE B 49 19.20 6.98 -20.57
C ILE B 49 20.37 7.58 -19.79
N ALA B 50 20.13 7.92 -18.52
CA ALA B 50 21.14 8.47 -17.64
C ALA B 50 21.03 7.80 -16.27
N ASN B 51 22.14 7.33 -15.73
CA ASN B 51 22.17 6.64 -14.44
C ASN B 51 22.86 7.46 -13.35
N THR B 52 22.07 7.98 -12.41
CA THR B 52 22.60 8.80 -11.32
C THR B 52 23.37 7.97 -10.30
N GLY B 53 23.30 6.65 -10.44
CA GLY B 53 23.99 5.80 -9.48
C GLY B 53 23.22 5.94 -8.18
N GLY B 54 23.75 6.77 -7.29
CA GLY B 54 23.09 7.01 -6.02
C GLY B 54 23.28 8.44 -5.56
N SER B 55 24.35 9.07 -6.03
CA SER B 55 24.68 10.44 -5.67
C SER B 55 23.62 11.42 -6.14
N SER B 56 23.23 12.33 -5.25
CA SER B 56 22.22 13.33 -5.56
C SER B 56 22.82 14.48 -6.38
N GLU B 57 24.13 14.64 -6.28
CA GLU B 57 24.81 15.71 -7.02
C GLU B 57 24.88 15.41 -8.51
N ARG B 58 25.23 14.18 -8.86
CA ARG B 58 25.30 13.81 -10.27
C ARG B 58 23.91 13.90 -10.87
N GLU B 59 22.90 13.67 -10.04
CA GLU B 59 21.51 13.72 -10.49
C GLU B 59 21.12 15.10 -10.98
N VAL B 60 21.44 16.12 -10.20
CA VAL B 60 21.11 17.50 -10.58
C VAL B 60 21.62 17.84 -11.96
N GLU B 61 22.86 17.45 -12.24
CA GLU B 61 23.48 17.71 -13.53
C GLU B 61 22.65 17.10 -14.66
N ILE B 62 22.24 15.85 -14.47
CA ILE B 62 21.44 15.14 -15.45
C ILE B 62 20.25 15.99 -15.87
N TRP B 63 19.48 16.47 -14.89
CA TRP B 63 18.31 17.29 -15.17
C TRP B 63 18.71 18.49 -16.03
N LYS B 64 19.80 19.15 -15.64
CA LYS B 64 20.29 20.31 -16.38
C LYS B 64 20.58 19.88 -17.81
N MSE B 65 21.27 18.75 -17.93
CA MSE B 65 21.64 18.20 -19.23
C MSE B 65 20.43 17.95 -20.13
O MSE B 65 20.46 18.30 -21.31
CB MSE B 65 22.40 16.88 -19.04
CG MSE B 65 22.88 16.24 -20.32
SE MSE B 65 23.94 14.65 -20.01
CE MSE B 65 25.66 15.50 -19.70
N PHE B 66 19.38 17.37 -19.58
CA PHE B 66 18.19 17.09 -20.37
C PHE B 66 17.42 18.35 -20.75
N GLN B 67 17.59 19.41 -19.97
CA GLN B 67 16.88 20.65 -20.25
C GLN B 67 17.42 21.27 -21.55
N SER B 68 18.70 21.60 -21.55
CA SER B 68 19.34 22.20 -22.72
C SER B 68 19.22 21.28 -23.94
N HIS B 69 19.02 19.99 -23.69
CA HIS B 69 18.89 19.02 -24.78
C HIS B 69 17.47 18.93 -25.32
N ARG B 70 16.58 19.78 -24.81
CA ARG B 70 15.19 19.82 -25.26
C ARG B 70 14.47 18.48 -25.12
N ILE B 71 14.72 17.77 -24.03
CA ILE B 71 14.04 16.50 -23.82
C ILE B 71 12.57 16.81 -23.53
N ASP B 72 11.67 16.16 -24.26
CA ASP B 72 10.22 16.36 -24.11
C ASP B 72 9.71 15.97 -22.74
N GLY B 73 9.99 14.73 -22.32
CA GLY B 73 9.53 14.27 -21.02
C GLY B 73 10.54 13.38 -20.35
N VAL B 74 10.38 13.19 -19.05
CA VAL B 74 11.29 12.36 -18.28
C VAL B 74 10.60 11.24 -17.51
N LEU B 75 11.18 10.05 -17.60
CA LEU B 75 10.66 8.92 -16.87
C LEU B 75 11.67 8.70 -15.76
N TYR B 76 11.27 8.94 -14.53
CA TYR B 76 12.15 8.79 -13.38
C TYR B 76 11.95 7.38 -12.83
N VAL B 77 12.93 6.52 -13.06
CA VAL B 77 12.86 5.11 -12.65
C VAL B 77 13.88 4.64 -11.62
N THR B 78 13.40 3.97 -10.58
CA THR B 78 14.26 3.42 -9.55
C THR B 78 14.33 1.92 -9.78
N MSE B 79 15.50 1.31 -9.55
CA MSE B 79 15.63 -0.13 -9.77
C MSE B 79 14.75 -0.90 -8.81
O MSE B 79 14.20 -1.94 -9.17
CB MSE B 79 17.09 -0.56 -9.62
CG MSE B 79 17.97 -0.14 -10.79
SE MSE B 79 17.26 -0.67 -12.52
CE MSE B 79 16.55 1.03 -13.09
N TYR B 80 14.61 -0.41 -7.57
CA TYR B 80 13.74 -1.06 -6.60
C TYR B 80 12.79 -0.02 -6.02
N ARG B 81 11.72 -0.49 -5.41
CA ARG B 81 10.72 0.40 -4.85
C ARG B 81 11.32 1.39 -3.87
N ARG B 82 11.05 2.67 -4.09
CA ARG B 82 11.59 3.71 -3.22
C ARG B 82 10.63 4.87 -3.02
N ILE B 83 10.85 5.63 -1.96
CA ILE B 83 10.07 6.81 -1.66
C ILE B 83 11.16 7.87 -1.71
N VAL B 84 11.10 8.75 -2.70
CA VAL B 84 12.11 9.78 -2.84
C VAL B 84 11.65 10.90 -3.76
N ASP B 85 12.15 12.11 -3.51
CA ASP B 85 11.84 13.28 -4.31
C ASP B 85 12.96 13.48 -5.33
N PRO B 86 12.62 13.65 -6.61
CA PRO B 86 13.64 13.85 -7.64
C PRO B 86 14.40 15.15 -7.38
N GLU B 87 15.71 15.07 -7.19
CA GLU B 87 16.50 16.27 -6.95
C GLU B 87 16.84 16.93 -8.28
N SER B 88 15.90 17.71 -8.81
CA SER B 88 16.09 18.39 -10.08
C SER B 88 16.57 19.82 -9.94
N GLY B 89 16.31 20.43 -8.79
CA GLY B 89 16.73 21.80 -8.59
C GLY B 89 15.78 22.76 -9.28
N ASP B 90 16.30 23.54 -10.24
CA ASP B 90 15.48 24.51 -10.96
C ASP B 90 15.04 24.02 -12.33
N VAL B 91 15.21 22.74 -12.61
CA VAL B 91 14.82 22.18 -13.90
C VAL B 91 13.35 21.76 -13.88
N SER B 92 12.62 22.10 -14.92
CA SER B 92 11.21 21.76 -15.02
C SER B 92 10.88 21.07 -16.34
N ILE B 93 10.60 19.78 -16.27
CA ILE B 93 10.26 18.98 -17.45
C ILE B 93 9.18 17.97 -17.08
N PRO B 94 8.13 17.83 -17.91
CA PRO B 94 7.06 16.88 -17.62
C PRO B 94 7.67 15.56 -17.16
N THR B 95 7.31 15.11 -15.97
CA THR B 95 7.87 13.90 -15.40
C THR B 95 6.87 12.90 -14.83
N VAL B 96 7.16 11.62 -15.04
CA VAL B 96 6.33 10.53 -14.52
C VAL B 96 7.28 9.58 -13.80
N MSE B 97 7.00 9.32 -12.53
CA MSE B 97 7.83 8.43 -11.74
C MSE B 97 7.33 6.99 -11.88
O MSE B 97 6.13 6.74 -11.88
CB MSE B 97 7.80 8.84 -10.26
CG MSE B 97 8.59 10.09 -9.95
SE MSE B 97 8.18 10.83 -8.20
CE MSE B 97 9.45 9.83 -7.14
N ILE B 98 8.27 6.07 -12.05
CA ILE B 98 7.92 4.66 -12.20
C ILE B 98 8.65 3.82 -11.18
N ASN B 99 7.90 2.98 -10.47
CA ASN B 99 8.44 2.09 -9.46
C ASN B 99 8.91 2.82 -8.20
N CYS B 100 8.45 4.06 -8.04
CA CYS B 100 8.80 4.88 -6.89
C CYS B 100 7.71 5.92 -6.67
N ARG B 101 7.66 6.47 -5.46
CA ARG B 101 6.67 7.48 -5.13
C ARG B 101 7.38 8.67 -4.54
N PRO B 102 6.86 9.89 -4.76
CA PRO B 102 7.49 11.10 -4.22
C PRO B 102 7.33 11.22 -2.71
N GLN B 103 8.39 11.62 -2.03
CA GLN B 103 8.36 11.80 -0.58
C GLN B 103 7.37 12.93 -0.28
N THR B 104 7.42 13.96 -1.12
CA THR B 104 6.53 15.12 -0.97
C THR B 104 5.20 14.84 -1.65
N ARG B 105 4.13 14.83 -0.84
CA ARG B 105 2.77 14.56 -1.28
C ARG B 105 2.39 15.09 -2.66
N GLU B 106 1.99 14.17 -3.54
CA GLU B 106 1.57 14.50 -4.90
C GLU B 106 2.49 15.41 -5.69
N LEU B 107 3.78 15.36 -5.42
CA LEU B 107 4.73 16.20 -6.15
C LEU B 107 4.73 15.89 -7.65
N LEU B 108 4.70 14.60 -7.98
CA LEU B 108 4.71 14.16 -9.38
C LEU B 108 3.83 12.92 -9.57
N PRO B 109 3.38 12.66 -10.81
CA PRO B 109 2.56 11.47 -11.04
C PRO B 109 3.46 10.26 -10.79
N SER B 110 2.88 9.15 -10.37
CA SER B 110 3.70 7.96 -10.14
C SER B 110 2.91 6.68 -10.34
N ILE B 111 3.60 5.66 -10.83
CA ILE B 111 2.99 4.36 -11.05
C ILE B 111 3.98 3.34 -10.49
N GLU B 112 3.49 2.52 -9.56
CA GLU B 112 4.33 1.52 -8.92
C GLU B 112 3.61 0.18 -8.89
N PRO B 113 4.36 -0.90 -8.65
CA PRO B 113 3.81 -2.25 -8.59
C PRO B 113 3.24 -2.42 -7.18
N ASP B 114 2.24 -3.28 -7.03
CA ASP B 114 1.63 -3.47 -5.73
C ASP B 114 2.22 -4.67 -4.98
N ASP B 115 3.38 -4.46 -4.36
CA ASP B 115 4.07 -5.49 -3.59
C ASP B 115 3.15 -6.15 -2.58
N TYR B 116 2.50 -5.33 -1.75
CA TYR B 116 1.61 -5.83 -0.72
C TYR B 116 0.55 -6.78 -1.28
N GLN B 117 -0.16 -6.33 -2.32
CA GLN B 117 -1.21 -7.15 -2.94
C GLN B 117 -0.63 -8.45 -3.50
N GLY B 118 0.51 -8.35 -4.18
CA GLY B 118 1.14 -9.52 -4.74
C GLY B 118 1.46 -10.56 -3.68
N ALA B 119 2.06 -10.12 -2.58
CA ALA B 119 2.41 -11.03 -1.50
C ALA B 119 1.16 -11.56 -0.81
N ARG B 120 0.12 -10.73 -0.74
CA ARG B 120 -1.12 -11.15 -0.12
C ARG B 120 -1.77 -12.29 -0.92
N ASP B 121 -1.82 -12.15 -2.24
CA ASP B 121 -2.42 -13.17 -3.08
C ASP B 121 -1.61 -14.44 -3.13
N LEU B 122 -0.29 -14.32 -3.07
CA LEU B 122 0.58 -15.48 -3.10
C LEU B 122 0.47 -16.21 -1.76
N THR B 123 0.30 -15.45 -0.68
CA THR B 123 0.18 -16.05 0.64
C THR B 123 -1.19 -16.72 0.75
N ARG B 124 -2.20 -16.08 0.19
CA ARG B 124 -3.57 -16.61 0.21
C ARG B 124 -3.58 -17.94 -0.55
N TYR B 125 -2.85 -17.97 -1.66
CA TYR B 125 -2.75 -19.17 -2.49
C TYR B 125 -2.30 -20.40 -1.69
N LEU B 126 -1.30 -20.23 -0.84
CA LEU B 126 -0.80 -21.32 -0.04
C LEU B 126 -1.76 -21.71 1.08
N LEU B 127 -2.30 -20.70 1.75
CA LEU B 127 -3.22 -20.92 2.85
C LEU B 127 -4.47 -21.67 2.38
N GLU B 128 -5.02 -21.23 1.26
CA GLU B 128 -6.20 -21.86 0.70
C GLU B 128 -5.89 -23.30 0.29
N ARG B 129 -4.60 -23.59 0.09
CA ARG B 129 -4.17 -24.94 -0.28
C ARG B 129 -4.05 -25.84 0.94
N GLY B 130 -4.20 -25.25 2.13
CA GLY B 130 -4.13 -26.05 3.34
C GLY B 130 -2.82 -26.07 4.10
N HIS B 131 -1.85 -25.25 3.69
CA HIS B 131 -0.59 -25.22 4.41
C HIS B 131 -0.80 -24.48 5.72
N ARG B 132 -0.36 -25.09 6.83
CA ARG B 132 -0.53 -24.50 8.15
C ARG B 132 0.81 -24.09 8.74
N ARG B 133 1.89 -24.66 8.21
CA ARG B 133 3.23 -24.33 8.67
C ARG B 133 3.92 -23.74 7.44
N ILE B 134 4.12 -22.44 7.45
CA ILE B 134 4.74 -21.77 6.31
C ILE B 134 5.96 -20.96 6.69
N GLY B 135 7.03 -21.12 5.92
CA GLY B 135 8.24 -20.38 6.17
C GLY B 135 8.37 -19.21 5.23
N TYR B 136 9.17 -18.22 5.63
CA TYR B 136 9.37 -17.04 4.81
C TYR B 136 10.83 -16.62 4.96
N ILE B 137 11.58 -16.59 3.86
CA ILE B 137 12.97 -16.16 3.93
C ILE B 137 12.98 -14.77 3.30
N ARG B 138 13.27 -13.78 4.13
CA ARG B 138 13.26 -12.37 3.76
C ARG B 138 14.35 -11.79 2.89
N LEU B 139 13.94 -10.84 2.06
CA LEU B 139 14.84 -10.11 1.19
C LEU B 139 15.44 -9.04 2.10
N ASN B 140 16.48 -8.37 1.62
CA ASN B 140 17.15 -7.32 2.38
C ASN B 140 16.15 -6.38 3.04
N PRO B 141 16.15 -6.34 4.39
CA PRO B 141 15.24 -5.47 5.15
C PRO B 141 15.26 -4.00 4.72
N ILE B 142 16.34 -3.58 4.09
CA ILE B 142 16.48 -2.19 3.63
C ILE B 142 15.48 -1.87 2.53
N LEU B 143 15.10 -2.89 1.75
CA LEU B 143 14.16 -2.67 0.66
C LEU B 143 12.72 -2.48 1.13
N LEU B 144 12.10 -1.40 0.67
CA LEU B 144 10.72 -1.10 1.03
C LEU B 144 9.82 -2.26 0.58
N GLY B 145 9.94 -2.62 -0.69
CA GLY B 145 9.14 -3.71 -1.24
C GLY B 145 9.23 -5.01 -0.46
N ALA B 146 10.43 -5.35 0.01
CA ALA B 146 10.62 -6.57 0.78
C ALA B 146 9.85 -6.50 2.08
N GLU B 147 9.85 -5.33 2.72
CA GLU B 147 9.14 -5.17 3.97
C GLU B 147 7.63 -5.19 3.78
N LEU B 148 7.14 -4.62 2.69
CA LEU B 148 5.71 -4.61 2.43
C LEU B 148 5.23 -6.04 2.16
N ARG B 149 6.06 -6.82 1.49
CA ARG B 149 5.69 -8.21 1.21
C ARG B 149 5.62 -8.95 2.54
N LEU B 150 6.55 -8.63 3.44
CA LEU B 150 6.57 -9.27 4.75
C LEU B 150 5.34 -8.82 5.54
N ASP B 151 4.96 -7.56 5.36
CA ASP B 151 3.79 -7.01 6.05
C ASP B 151 2.55 -7.79 5.61
N ALA B 152 2.45 -8.05 4.31
CA ALA B 152 1.31 -8.78 3.78
C ALA B 152 1.33 -10.22 4.24
N PHE B 153 2.52 -10.81 4.34
CA PHE B 153 2.63 -12.19 4.76
C PHE B 153 2.02 -12.35 6.15
N ARG B 154 2.44 -11.52 7.09
CA ARG B 154 1.90 -11.59 8.45
C ARG B 154 0.41 -11.29 8.49
N ARG B 155 -0.04 -10.23 7.82
CA ARG B 155 -1.45 -9.88 7.82
C ARG B 155 -2.33 -10.99 7.24
N THR B 156 -1.98 -11.48 6.05
CA THR B 156 -2.76 -12.52 5.39
C THR B 156 -2.78 -13.81 6.20
N THR B 157 -1.62 -14.20 6.71
CA THR B 157 -1.50 -15.40 7.54
C THR B 157 -2.43 -15.26 8.74
N SER B 158 -2.43 -14.08 9.35
CA SER B 158 -3.26 -13.79 10.50
C SER B 158 -4.75 -13.92 10.19
N GLU B 159 -5.15 -13.48 9.01
CA GLU B 159 -6.55 -13.54 8.61
C GLU B 159 -7.05 -14.97 8.50
N PHE B 160 -6.11 -15.92 8.35
CA PHE B 160 -6.46 -17.33 8.25
C PHE B 160 -6.28 -18.07 9.58
N GLY B 161 -6.09 -17.31 10.65
CA GLY B 161 -5.94 -17.91 11.97
C GLY B 161 -4.55 -18.40 12.35
N LEU B 162 -3.61 -18.35 11.42
CA LEU B 162 -2.25 -18.79 11.73
C LEU B 162 -1.62 -17.73 12.63
N THR B 163 -0.67 -18.15 13.44
CA THR B 163 0.03 -17.23 14.33
C THR B 163 1.53 -17.37 14.11
N GLU B 164 2.32 -16.65 14.90
CA GLU B 164 3.77 -16.67 14.77
C GLU B 164 4.41 -18.04 14.94
N ASN B 165 4.00 -18.81 15.94
CA ASN B 165 4.61 -20.12 16.18
C ASN B 165 4.39 -21.12 15.04
N ASP B 166 3.49 -20.78 14.12
CA ASP B 166 3.21 -21.65 12.96
C ASP B 166 4.02 -21.18 11.77
N LEU B 167 4.65 -20.03 11.91
CA LEU B 167 5.46 -19.45 10.85
C LEU B 167 6.96 -19.55 11.12
N SER B 168 7.73 -19.71 10.05
CA SER B 168 9.17 -19.79 10.13
C SER B 168 9.73 -18.64 9.30
N ILE B 169 9.97 -17.51 9.95
CA ILE B 169 10.48 -16.31 9.28
C ILE B 169 11.96 -16.12 9.58
N SER B 170 12.76 -16.01 8.53
CA SER B 170 14.20 -15.85 8.69
C SER B 170 14.75 -14.86 7.69
N LEU B 171 15.81 -14.16 8.09
CA LEU B 171 16.47 -13.21 7.20
C LEU B 171 17.29 -14.04 6.23
N GLY B 172 17.36 -13.60 4.98
CA GLY B 172 18.14 -14.35 4.01
C GLY B 172 19.41 -13.61 3.66
N MSE B 173 19.45 -12.32 3.95
CA MSE B 173 20.61 -11.50 3.65
C MSE B 173 20.52 -10.16 4.37
O MSE B 173 19.47 -9.77 4.87
CB MSE B 173 20.68 -11.24 2.15
CG MSE B 173 19.43 -10.57 1.61
SE MSE B 173 19.45 -10.32 -0.28
CE MSE B 173 18.82 -12.07 -0.81
N ASP B 174 21.65 -9.45 4.40
CA ASP B 174 21.73 -8.14 5.03
C ASP B 174 22.92 -7.38 4.47
N GLY B 175 22.93 -6.06 4.68
CA GLY B 175 24.03 -5.26 4.18
C GLY B 175 23.61 -4.36 3.02
N PRO B 176 24.55 -3.63 2.40
CA PRO B 176 24.27 -2.74 1.28
C PRO B 176 23.59 -3.45 0.12
N VAL B 177 22.62 -2.78 -0.51
CA VAL B 177 21.92 -3.38 -1.64
C VAL B 177 22.91 -3.56 -2.79
N GLY B 178 22.90 -4.74 -3.39
CA GLY B 178 23.80 -5.01 -4.50
C GLY B 178 24.99 -5.86 -4.09
N ALA B 179 25.44 -5.68 -2.85
CA ALA B 179 26.57 -6.43 -2.32
C ALA B 179 26.30 -6.77 -0.87
N GLU B 180 25.35 -7.67 -0.65
CA GLU B 180 24.98 -8.06 0.71
C GLU B 180 25.69 -9.29 1.21
N ASN B 181 25.46 -9.55 2.49
CA ASN B 181 25.98 -10.70 3.18
C ASN B 181 24.84 -11.68 2.91
N ASN B 182 25.08 -12.67 2.05
CA ASN B 182 24.05 -13.62 1.67
C ASN B 182 24.17 -15.00 2.32
N TYR B 183 23.11 -15.40 3.03
CA TYR B 183 23.10 -16.69 3.70
C TYR B 183 21.76 -17.40 3.55
N VAL B 184 21.17 -17.28 2.37
CA VAL B 184 19.88 -17.91 2.09
C VAL B 184 19.95 -19.42 2.25
N PHE B 185 20.91 -20.04 1.58
CA PHE B 185 21.07 -21.49 1.65
C PHE B 185 21.13 -22.01 3.08
N ALA B 186 21.92 -21.35 3.93
CA ALA B 186 22.08 -21.77 5.32
C ALA B 186 20.79 -21.61 6.10
N ALA B 187 20.04 -20.55 5.80
CA ALA B 187 18.78 -20.29 6.49
C ALA B 187 17.72 -21.29 6.06
N ALA B 188 17.71 -21.63 4.76
CA ALA B 188 16.74 -22.58 4.23
C ALA B 188 17.02 -23.96 4.80
N THR B 189 18.30 -24.29 4.91
CA THR B 189 18.71 -25.57 5.46
C THR B 189 18.27 -25.70 6.91
N GLU B 190 18.56 -24.68 7.71
CA GLU B 190 18.17 -24.70 9.12
C GLU B 190 16.65 -24.82 9.27
N MSE B 191 15.94 -24.12 8.39
CA MSE B 191 14.49 -24.10 8.40
C MSE B 191 13.89 -25.46 8.06
O MSE B 191 12.89 -25.89 8.66
CB MSE B 191 13.99 -23.07 7.39
CG MSE B 191 12.50 -22.81 7.42
SE MSE B 191 12.02 -21.47 6.13
CE MSE B 191 12.75 -19.92 7.02
N LEU B 192 14.51 -26.15 7.10
CA LEU B 192 14.04 -27.46 6.68
C LEU B 192 14.46 -28.57 7.64
N LYS B 193 15.45 -28.30 8.49
CA LYS B 193 15.91 -29.30 9.45
C LYS B 193 15.09 -29.24 10.74
N GLN B 194 14.31 -28.17 10.90
CA GLN B 194 13.47 -27.99 12.08
C GLN B 194 12.59 -29.21 12.32
N ASP B 195 12.37 -29.54 13.59
CA ASP B 195 11.54 -30.69 13.96
C ASP B 195 10.13 -30.49 13.39
N ASP B 196 9.62 -29.27 13.51
CA ASP B 196 8.31 -28.92 12.99
C ASP B 196 8.53 -28.18 11.68
N ARG B 197 9.08 -28.88 10.70
CA ARG B 197 9.40 -28.32 9.39
C ARG B 197 8.19 -27.78 8.63
N PRO B 198 8.37 -26.64 7.93
CA PRO B 198 7.29 -26.01 7.14
C PRO B 198 6.93 -26.88 5.93
N THR B 199 5.67 -26.81 5.51
CA THR B 199 5.23 -27.58 4.34
C THR B 199 5.33 -26.72 3.08
N ALA B 200 5.48 -25.41 3.27
CA ALA B 200 5.65 -24.48 2.17
C ALA B 200 6.62 -23.39 2.60
N ILE B 201 7.44 -22.93 1.65
CA ILE B 201 8.39 -21.87 1.92
C ILE B 201 8.21 -20.79 0.88
N MSE B 202 8.05 -19.55 1.34
CA MSE B 202 7.90 -18.42 0.44
C MSE B 202 9.25 -17.73 0.36
O MSE B 202 9.82 -17.33 1.38
CB MSE B 202 6.86 -17.45 0.97
CG MSE B 202 5.45 -18.01 0.96
SE MSE B 202 4.16 -16.65 1.38
CE MSE B 202 4.01 -15.83 -0.33
N SER B 203 9.80 -17.61 -0.85
CA SER B 203 11.08 -16.96 -1.04
C SER B 203 10.90 -15.46 -1.21
N GLY B 204 11.79 -14.68 -0.60
CA GLY B 204 11.72 -13.23 -0.71
C GLY B 204 11.53 -12.83 -2.17
N ASN B 205 12.28 -13.49 -3.03
CA ASN B 205 12.16 -13.25 -4.47
C ASN B 205 12.60 -14.50 -5.20
N ASP B 206 12.46 -14.51 -6.52
CA ASP B 206 12.83 -15.68 -7.31
C ASP B 206 14.31 -16.04 -7.20
N GLU B 207 15.18 -15.03 -7.21
CA GLU B 207 16.61 -15.25 -7.12
C GLU B 207 16.96 -16.12 -5.91
N MSE B 208 16.36 -15.80 -4.76
CA MSE B 208 16.61 -16.56 -3.55
C MSE B 208 16.09 -18.00 -3.67
O MSE B 208 16.66 -18.92 -3.08
CB MSE B 208 15.92 -15.88 -2.35
CG MSE B 208 16.43 -14.48 -2.03
SE MSE B 208 15.32 -13.55 -0.70
CE MSE B 208 15.86 -14.56 0.84
N ALA B 209 15.03 -18.18 -4.45
CA ALA B 209 14.44 -19.51 -4.65
C ALA B 209 15.46 -20.53 -5.14
N ILE B 210 16.45 -20.07 -5.89
CA ILE B 210 17.49 -20.96 -6.39
C ILE B 210 18.13 -21.71 -5.21
N GLN B 211 18.56 -20.96 -4.21
CA GLN B 211 19.21 -21.56 -3.03
C GLN B 211 18.26 -22.41 -2.20
N ILE B 212 16.99 -22.04 -2.17
CA ILE B 212 16.02 -22.79 -1.40
C ILE B 212 15.78 -24.14 -2.09
N TYR B 213 15.76 -24.12 -3.42
CA TYR B 213 15.56 -25.35 -4.18
C TYR B 213 16.71 -26.32 -3.89
N ILE B 214 17.93 -25.79 -3.88
CA ILE B 214 19.10 -26.63 -3.63
C ILE B 214 19.16 -27.14 -2.20
N ALA B 215 18.79 -26.29 -1.24
CA ALA B 215 18.80 -26.67 0.17
C ALA B 215 17.86 -27.85 0.42
N ALA B 216 16.66 -27.79 -0.15
CA ALA B 216 15.69 -28.87 0.01
C ALA B 216 16.19 -30.13 -0.67
N MSE B 217 16.58 -30.02 -1.93
CA MSE B 217 17.07 -31.17 -2.67
C MSE B 217 18.28 -31.80 -2.00
O MSE B 217 18.44 -33.02 -2.01
CB MSE B 217 17.40 -30.76 -4.11
CG MSE B 217 16.14 -30.53 -4.94
SE MSE B 217 16.51 -30.01 -6.76
CE MSE B 217 15.38 -28.45 -6.86
N ALA B 218 19.14 -30.97 -1.42
CA ALA B 218 20.34 -31.45 -0.74
C ALA B 218 19.97 -32.30 0.50
N LEU B 219 18.76 -32.11 1.00
CA LEU B 219 18.31 -32.85 2.16
C LEU B 219 17.44 -34.02 1.72
N GLY B 220 17.43 -34.27 0.41
CA GLY B 220 16.66 -35.36 -0.14
C GLY B 220 15.18 -35.09 -0.27
N LEU B 221 14.79 -33.85 -0.02
CA LEU B 221 13.38 -33.47 -0.10
C LEU B 221 13.01 -33.14 -1.54
N ARG B 222 11.80 -33.54 -1.94
CA ARG B 222 11.30 -33.29 -3.29
C ARG B 222 10.35 -32.11 -3.32
N ILE B 223 10.33 -31.40 -4.44
CA ILE B 223 9.47 -30.24 -4.61
C ILE B 223 8.48 -30.51 -5.73
N PRO B 224 7.17 -30.37 -5.46
CA PRO B 224 6.49 -29.96 -4.22
C PRO B 224 6.06 -31.12 -3.31
N GLN B 225 6.34 -32.36 -3.71
CA GLN B 225 5.93 -33.51 -2.92
C GLN B 225 6.20 -33.42 -1.42
N ASP B 226 7.41 -33.00 -1.05
CA ASP B 226 7.77 -32.88 0.35
C ASP B 226 7.66 -31.45 0.88
N VAL B 227 7.85 -30.47 -0.01
CA VAL B 227 7.76 -29.08 0.38
C VAL B 227 7.42 -28.21 -0.82
N SER B 228 6.49 -27.29 -0.64
CA SER B 228 6.09 -26.38 -1.71
C SER B 228 6.95 -25.12 -1.62
N ILE B 229 7.34 -24.58 -2.76
CA ILE B 229 8.13 -23.35 -2.77
C ILE B 229 7.52 -22.37 -3.77
N VAL B 230 7.48 -21.09 -3.40
CA VAL B 230 6.95 -20.06 -4.28
C VAL B 230 7.90 -18.87 -4.15
N GLY B 231 7.97 -18.04 -5.19
CA GLY B 231 8.88 -16.91 -5.15
C GLY B 231 8.18 -15.57 -5.30
N PHE B 232 8.88 -14.62 -5.90
CA PHE B 232 8.31 -13.30 -6.16
C PHE B 232 9.18 -12.58 -7.18
N ASP B 233 8.51 -11.94 -8.14
CA ASP B 233 9.10 -11.14 -9.22
C ASP B 233 8.83 -11.69 -10.62
N ASP B 234 8.90 -13.01 -10.73
CA ASP B 234 8.79 -13.74 -11.99
C ASP B 234 9.95 -13.28 -12.85
N PHE B 235 11.15 -13.40 -12.29
CA PHE B 235 12.38 -13.04 -12.95
C PHE B 235 12.64 -14.19 -13.91
N ARG B 236 12.34 -13.96 -15.18
CA ARG B 236 12.48 -14.94 -16.26
C ARG B 236 13.70 -15.84 -16.18
N THR B 237 14.87 -15.25 -15.99
CA THR B 237 16.11 -15.99 -15.90
C THR B 237 16.02 -17.15 -14.92
N VAL B 238 15.36 -16.92 -13.79
CA VAL B 238 15.23 -17.93 -12.76
C VAL B 238 14.00 -18.84 -12.88
N THR B 239 12.83 -18.24 -13.04
CA THR B 239 11.58 -19.00 -13.11
C THR B 239 11.49 -20.01 -14.25
N MSE B 240 12.25 -19.79 -15.32
CA MSE B 240 12.24 -20.71 -16.46
C MSE B 240 13.28 -21.80 -16.26
O MSE B 240 13.18 -22.89 -16.83
CB MSE B 240 12.53 -19.95 -17.76
CG MSE B 240 13.96 -19.44 -17.88
SE MSE B 240 14.43 -18.80 -19.64
CE MSE B 240 15.28 -20.41 -20.32
N ALA B 241 14.29 -21.51 -15.44
CA ALA B 241 15.37 -22.44 -15.18
C ALA B 241 15.01 -23.51 -14.15
N LEU B 242 14.56 -23.06 -12.99
CA LEU B 242 14.20 -23.98 -11.92
C LEU B 242 13.17 -25.01 -12.37
N LYS B 243 13.32 -26.23 -11.87
CA LYS B 243 12.38 -27.32 -12.17
C LYS B 243 12.05 -27.99 -10.84
N PRO B 244 10.75 -28.13 -10.52
CA PRO B 244 9.58 -27.70 -11.30
C PRO B 244 9.53 -26.19 -11.48
N GLU B 245 8.82 -25.73 -12.50
CA GLU B 245 8.69 -24.30 -12.76
C GLU B 245 8.16 -23.64 -11.50
N LEU B 246 8.74 -22.50 -11.15
CA LEU B 246 8.39 -21.78 -9.94
C LEU B 246 7.11 -20.94 -9.98
N THR B 247 6.19 -21.24 -9.06
CA THR B 247 4.95 -20.48 -8.96
C THR B 247 5.39 -19.18 -8.28
N THR B 248 5.01 -18.05 -8.84
CA THR B 248 5.45 -16.78 -8.28
C THR B 248 4.43 -15.67 -8.51
N ALA B 249 4.80 -14.44 -8.11
CA ALA B 249 3.95 -13.27 -8.31
C ALA B 249 4.79 -12.39 -9.22
N ALA B 250 4.23 -12.05 -10.38
CA ALA B 250 4.95 -11.26 -11.36
C ALA B 250 4.95 -9.76 -11.17
N LEU B 251 6.12 -9.17 -11.04
CA LEU B 251 6.21 -7.72 -10.92
C LEU B 251 5.94 -7.26 -12.34
N PRO B 252 4.96 -6.36 -12.53
CA PRO B 252 4.61 -5.84 -13.86
C PRO B 252 5.57 -4.82 -14.40
N TYR B 253 6.87 -5.12 -14.36
CA TYR B 253 7.89 -4.18 -14.83
C TYR B 253 7.67 -3.76 -16.28
N TYR B 254 7.47 -4.72 -17.17
CA TYR B 254 7.26 -4.39 -18.57
C TYR B 254 6.08 -3.43 -18.74
N ASP B 255 4.94 -3.78 -18.17
CA ASP B 255 3.74 -2.95 -18.26
C ASP B 255 3.92 -1.61 -17.55
N LEU B 256 4.70 -1.60 -16.47
CA LEU B 256 4.94 -0.36 -15.74
C LEU B 256 5.60 0.64 -16.68
N GLY B 257 6.52 0.15 -17.51
CA GLY B 257 7.22 1.01 -18.45
C GLY B 257 6.34 1.46 -19.60
N ARG B 258 5.56 0.54 -20.16
CA ARG B 258 4.68 0.84 -21.28
C ARG B 258 3.57 1.80 -20.86
N GLU B 259 3.04 1.60 -19.65
CA GLU B 259 1.99 2.45 -19.11
C GLU B 259 2.53 3.82 -18.78
N GLY B 260 3.68 3.85 -18.10
CA GLY B 260 4.30 5.11 -17.72
C GLY B 260 4.62 5.97 -18.92
N ALA B 261 5.23 5.37 -19.93
CA ALA B 261 5.58 6.10 -21.15
C ALA B 261 4.33 6.70 -21.77
N LYS B 262 3.28 5.90 -21.92
CA LYS B 262 2.01 6.37 -22.51
C LYS B 262 1.39 7.47 -21.66
N TRP B 263 1.48 7.31 -20.34
CA TRP B 263 0.93 8.29 -19.42
C TRP B 263 1.72 9.59 -19.60
N LEU B 264 3.04 9.47 -19.66
CA LEU B 264 3.91 10.63 -19.83
C LEU B 264 3.60 11.35 -21.14
N ASN B 265 3.35 10.57 -22.19
CA ASN B 265 3.03 11.16 -23.49
C ASN B 265 1.84 12.10 -23.34
N ASP B 266 0.96 11.79 -22.40
CA ASP B 266 -0.21 12.62 -22.14
C ASP B 266 0.19 13.88 -21.38
N LEU B 267 1.07 13.72 -20.40
CA LEU B 267 1.53 14.86 -19.61
C LEU B 267 2.17 15.84 -20.60
N ILE B 268 2.80 15.29 -21.63
CA ILE B 268 3.44 16.08 -22.66
C ILE B 268 2.39 16.95 -23.31
N ALA B 269 1.32 16.30 -23.79
CA ALA B 269 0.22 16.99 -24.44
C ALA B 269 -0.59 17.83 -23.45
N GLY B 270 -0.38 17.59 -22.16
CA GLY B 270 -1.07 18.34 -21.13
C GLY B 270 -2.48 17.84 -20.82
N GLU B 271 -2.58 16.83 -19.96
CA GLU B 271 -3.87 16.27 -19.57
C GLU B 271 -3.78 15.62 -18.18
N LYS B 272 -3.14 14.45 -18.14
CA LYS B 272 -2.94 13.68 -16.92
C LYS B 272 -4.21 13.31 -16.16
N ILE B 273 -4.22 12.07 -15.66
CA ILE B 273 -5.36 11.55 -14.91
C ILE B 273 -4.99 11.21 -13.45
N TYR B 274 -5.01 12.24 -12.62
CA TYR B 274 -4.68 12.14 -11.19
C TYR B 274 -4.81 13.58 -10.70
N PRO B 275 -4.98 13.81 -9.39
CA PRO B 275 -5.10 13.08 -8.12
C PRO B 275 -5.03 11.55 -8.05
N GLY B 276 -4.33 11.08 -7.03
CA GLY B 276 -4.17 9.66 -6.82
C GLY B 276 -3.07 9.01 -7.63
N SER B 277 -2.10 8.42 -6.94
CA SER B 277 -1.00 7.74 -7.61
C SER B 277 -1.60 6.44 -8.13
N ARG B 278 -0.92 5.79 -9.06
CA ARG B 278 -1.43 4.54 -9.60
C ARG B 278 -0.60 3.35 -9.10
N VAL B 279 -1.28 2.27 -8.76
CA VAL B 279 -0.60 1.08 -8.29
C VAL B 279 -1.05 -0.09 -9.16
N VAL B 280 -0.11 -0.70 -9.86
CA VAL B 280 -0.42 -1.82 -10.73
C VAL B 280 -0.24 -3.14 -10.00
N SER B 281 -1.24 -4.02 -10.10
CA SER B 281 -1.19 -5.30 -9.43
C SER B 281 -0.15 -6.27 -10.00
N CYS B 282 0.27 -7.20 -9.15
CA CYS B 282 1.22 -8.23 -9.52
C CYS B 282 0.41 -9.48 -9.74
N LYS B 283 0.42 -9.99 -10.97
CA LYS B 283 -0.34 -11.18 -11.29
C LYS B 283 0.24 -12.44 -10.66
N LEU B 284 -0.64 -13.32 -10.20
CA LEU B 284 -0.24 -14.60 -9.60
C LEU B 284 0.06 -15.53 -10.77
N VAL B 285 1.24 -16.14 -10.79
CA VAL B 285 1.59 -17.05 -11.87
C VAL B 285 1.68 -18.47 -11.32
N GLU B 286 0.66 -19.28 -11.61
CA GLU B 286 0.61 -20.65 -11.12
C GLU B 286 1.41 -21.60 -12.00
N ARG B 287 2.47 -22.17 -11.42
CA ARG B 287 3.26 -23.13 -12.15
C ARG B 287 3.20 -24.46 -11.43
N SER B 288 4.33 -25.15 -11.25
CA SER B 288 4.27 -26.47 -10.62
C SER B 288 5.05 -26.69 -9.34
N SER B 289 5.49 -25.63 -8.67
CA SER B 289 6.26 -25.78 -7.45
C SER B 289 5.49 -25.87 -6.13
N ALA B 290 4.17 -25.78 -6.20
CA ALA B 290 3.36 -25.86 -4.98
C ALA B 290 2.23 -26.88 -5.09
N ALA B 291 2.00 -27.61 -4.01
CA ALA B 291 0.93 -28.61 -3.95
C ALA B 291 0.04 -28.25 -2.77
N PHE B 292 -1.01 -29.06 -2.57
CA PHE B 292 -1.92 -28.86 -1.45
C PHE B 292 -1.24 -29.37 -0.19
N GLY B 293 -1.64 -28.84 0.96
CA GLY B 293 -1.05 -29.26 2.21
C GLY B 293 -2.10 -29.61 3.26
#